data_8TFW
#
_entry.id   8TFW
#
_cell.length_a   46.972
_cell.length_b   76.419
_cell.length_c   73.380
_cell.angle_alpha   90.00
_cell.angle_beta   90.86
_cell.angle_gamma   90.00
#
_symmetry.space_group_name_H-M   'P 1 21 1'
#
loop_
_entity.id
_entity.type
_entity.pdbx_description
1 polymer 'Fluorophosphonate-binding serine hydrolase E'
2 non-polymer '[5-(trifluoromethyl)thiophen-2-yl]boronic acid'
3 non-polymer 'MAGNESIUM ION'
4 water water
#
_entity_poly.entity_id   1
_entity_poly.type   'polypeptide(L)'
_entity_poly.pdbx_seq_one_letter_code
;GPGMETLELQGAKLRYHQVGQGPVLIFIPGANGTGDIFLPLAEQLKDHFTVVAVDRRDYGESELTEPLPDSASNPDSDYR
VKRDAQDIAELAKSLSDEPVYILGSSSGSIVAMHVLKDYPEVVKKIAFHEPPINTFLPDSTYWKDKNDDIVHQILTEGLE
KGMKTFGETLNIAPIDAKMMSQPADTEEGRIEQYKRTMFWLEFEIRQYTHSNITLDDFTKYSDKITLLNGTDSRGSFPQD
VNFYINKETGIPIVDIPGGHLGYIQKPEGFADVLLNMWG
;
_entity_poly.pdbx_strand_id   A,B
#
# COMPACT_ATOMS: atom_id res chain seq x y z
N GLY A 3 -23.95 -6.82 7.23
CA GLY A 3 -24.87 -6.05 8.06
C GLY A 3 -24.19 -5.38 9.22
N MET A 4 -23.69 -4.15 9.00
CA MET A 4 -22.83 -3.44 9.93
C MET A 4 -23.48 -2.09 10.28
N GLU A 5 -23.27 -1.64 11.52
CA GLU A 5 -23.65 -0.29 11.88
C GLU A 5 -22.60 0.70 11.42
N THR A 6 -22.99 1.97 11.31
CA THR A 6 -22.10 3.05 10.86
C THR A 6 -22.23 4.25 11.79
N LEU A 7 -21.08 4.71 12.29
CA LEU A 7 -20.97 6.01 12.95
C LEU A 7 -20.00 6.84 12.11
N GLU A 8 -20.48 7.99 11.60
CA GLU A 8 -19.62 8.91 10.87
C GLU A 8 -18.86 9.78 11.85
N LEU A 9 -17.54 9.82 11.69
CA LEU A 9 -16.62 10.56 12.56
C LEU A 9 -15.67 11.40 11.71
N GLN A 10 -14.94 12.29 12.37
CA GLN A 10 -13.92 13.09 11.70
C GLN A 10 -12.96 12.17 10.95
N GLY A 11 -13.03 12.19 9.62
CA GLY A 11 -12.07 11.51 8.77
C GLY A 11 -12.38 10.07 8.46
N ALA A 12 -13.47 9.51 8.97
CA ALA A 12 -13.76 8.12 8.70
C ALA A 12 -15.25 7.84 8.90
N LYS A 13 -15.74 6.87 8.15
CA LYS A 13 -16.98 6.19 8.47
C LYS A 13 -16.62 4.94 9.25
N LEU A 14 -16.93 4.94 10.55
CA LEU A 14 -16.58 3.84 11.44
C LEU A 14 -17.70 2.80 11.44
N ARG A 15 -17.36 1.57 11.09
CA ARG A 15 -18.33 0.50 10.99
C ARG A 15 -18.14 -0.46 12.16
N TYR A 16 -19.25 -1.02 12.64
CA TYR A 16 -19.19 -1.83 13.85
C TYR A 16 -20.37 -2.79 13.88
N HIS A 17 -20.16 -3.92 14.51
CA HIS A 17 -21.28 -4.81 14.74
C HIS A 17 -21.88 -4.45 16.09
N GLN A 18 -23.15 -4.77 16.26
CA GLN A 18 -23.81 -4.60 17.55
C GLN A 18 -24.85 -5.69 17.74
N VAL A 19 -24.71 -6.47 18.80
CA VAL A 19 -25.65 -7.55 19.11
C VAL A 19 -25.90 -7.56 20.62
N GLY A 20 -27.18 -7.64 21.00
CA GLY A 20 -27.57 -7.96 22.35
C GLY A 20 -28.29 -6.81 23.03
N GLN A 21 -28.47 -6.98 24.34
CA GLN A 21 -29.19 -6.04 25.18
C GLN A 21 -28.46 -5.87 26.50
N GLY A 22 -28.62 -4.69 27.10
CA GLY A 22 -28.00 -4.37 28.36
C GLY A 22 -26.82 -3.43 28.24
N PRO A 23 -25.93 -3.46 29.24
CA PRO A 23 -24.81 -2.54 29.26
C PRO A 23 -23.95 -2.75 28.03
N VAL A 24 -23.41 -1.65 27.50
CA VAL A 24 -22.60 -1.73 26.29
C VAL A 24 -21.24 -2.36 26.60
N LEU A 25 -20.81 -3.28 25.72
CA LEU A 25 -19.52 -3.94 25.81
C LEU A 25 -18.81 -3.83 24.46
N ILE A 26 -17.75 -3.02 24.40
CA ILE A 26 -17.04 -2.76 23.14
C ILE A 26 -15.81 -3.66 23.05
N PHE A 27 -15.71 -4.39 21.94
CA PHE A 27 -14.52 -5.19 21.69
C PHE A 27 -13.67 -4.46 20.65
N ILE A 28 -12.39 -4.30 20.95
CA ILE A 28 -11.44 -3.65 20.07
C ILE A 28 -10.49 -4.70 19.52
N PRO A 29 -10.49 -4.94 18.21
CA PRO A 29 -9.62 -5.97 17.63
C PRO A 29 -8.15 -5.58 17.62
N GLY A 30 -7.31 -6.62 17.59
CA GLY A 30 -5.87 -6.46 17.47
C GLY A 30 -5.45 -6.54 16.02
N ALA A 31 -4.48 -7.42 15.72
CA ALA A 31 -3.80 -7.37 14.42
C ALA A 31 -4.78 -7.48 13.26
N ASN A 32 -5.85 -8.27 13.40
CA ASN A 32 -6.75 -8.46 12.27
C ASN A 32 -7.63 -7.24 12.04
N GLY A 33 -7.77 -6.36 13.02
CA GLY A 33 -8.32 -5.06 12.78
C GLY A 33 -9.83 -4.99 12.66
N THR A 34 -10.54 -6.11 12.68
CA THR A 34 -11.96 -6.14 12.35
C THR A 34 -12.73 -6.83 13.46
N GLY A 35 -13.99 -6.42 13.61
CA GLY A 35 -14.79 -6.91 14.72
C GLY A 35 -15.44 -8.26 14.50
N ASP A 36 -15.40 -8.81 13.28
CA ASP A 36 -16.08 -10.08 13.03
C ASP A 36 -15.48 -11.19 13.88
N ILE A 37 -14.21 -11.09 14.22
CA ILE A 37 -13.52 -12.13 14.96
C ILE A 37 -14.06 -12.29 16.39
N PHE A 38 -14.90 -11.35 16.85
CA PHE A 38 -15.53 -11.47 18.16
C PHE A 38 -16.97 -11.99 18.08
N LEU A 39 -17.49 -12.25 16.88
CA LEU A 39 -18.92 -12.55 16.75
C LEU A 39 -19.32 -13.84 17.43
N PRO A 40 -18.57 -14.94 17.37
CA PRO A 40 -18.91 -16.09 18.21
C PRO A 40 -18.86 -15.78 19.70
N LEU A 41 -17.98 -14.88 20.15
CA LEU A 41 -17.97 -14.51 21.57
C LEU A 41 -19.19 -13.67 21.92
N ALA A 42 -19.59 -12.76 21.03
CA ALA A 42 -20.77 -11.96 21.26
C ALA A 42 -22.00 -12.82 21.46
N GLU A 43 -22.16 -13.85 20.63
CA GLU A 43 -23.35 -14.69 20.75
C GLU A 43 -23.46 -15.28 22.15
N GLN A 44 -22.33 -15.60 22.78
CA GLN A 44 -22.36 -16.14 24.13
C GLN A 44 -22.58 -15.06 25.17
N LEU A 45 -22.61 -13.79 24.76
CA LEU A 45 -22.77 -12.67 25.69
C LEU A 45 -24.00 -11.83 25.44
N LYS A 46 -24.72 -12.03 24.34
CA LYS A 46 -25.72 -11.05 23.95
C LYS A 46 -26.88 -10.95 24.92
N ASP A 47 -27.03 -11.90 25.85
CA ASP A 47 -28.10 -11.83 26.84
C ASP A 47 -27.70 -11.10 28.13
N HIS A 48 -26.46 -10.61 28.22
CA HIS A 48 -26.03 -9.78 29.35
C HIS A 48 -25.53 -8.39 28.95
N PHE A 49 -24.92 -8.22 27.76
CA PHE A 49 -24.41 -6.93 27.31
C PHE A 49 -24.84 -6.62 25.88
N THR A 50 -24.90 -5.33 25.56
CA THR A 50 -24.93 -4.93 24.15
C THR A 50 -23.50 -4.99 23.65
N VAL A 51 -23.20 -6.03 22.89
CA VAL A 51 -21.84 -6.29 22.41
C VAL A 51 -21.65 -5.48 21.14
N VAL A 52 -20.69 -4.56 21.19
CA VAL A 52 -20.31 -3.75 20.05
C VAL A 52 -18.89 -4.16 19.68
N ALA A 53 -18.70 -4.53 18.42
CA ALA A 53 -17.42 -5.03 17.91
C ALA A 53 -17.06 -4.23 16.68
N VAL A 54 -15.94 -3.52 16.75
CA VAL A 54 -15.62 -2.45 15.82
C VAL A 54 -14.66 -2.94 14.76
N ASP A 55 -14.85 -2.46 13.54
CA ASP A 55 -13.79 -2.43 12.55
C ASP A 55 -13.07 -1.10 12.77
N ARG A 56 -11.83 -1.16 13.23
CA ARG A 56 -11.08 0.08 13.40
C ARG A 56 -10.88 0.74 12.04
N ARG A 57 -10.82 2.08 12.07
CA ARG A 57 -11.17 2.88 10.89
C ARG A 57 -10.30 2.59 9.68
N ASP A 58 -9.13 1.99 9.85
CA ASP A 58 -8.27 1.64 8.73
C ASP A 58 -8.53 0.23 8.18
N TYR A 59 -9.54 -0.49 8.72
CA TYR A 59 -9.72 -1.89 8.39
C TYR A 59 -11.16 -2.25 8.05
N GLY A 60 -11.29 -3.34 7.31
CA GLY A 60 -12.59 -3.98 7.23
C GLY A 60 -13.57 -3.15 6.42
N GLU A 61 -14.77 -2.98 6.98
CA GLU A 61 -15.81 -2.19 6.33
C GLU A 61 -15.76 -0.71 6.69
N SER A 62 -14.87 -0.31 7.61
CA SER A 62 -14.70 1.11 7.89
C SER A 62 -14.01 1.78 6.71
N GLU A 63 -14.34 3.05 6.45
CA GLU A 63 -13.73 3.81 5.36
C GLU A 63 -13.14 5.12 5.87
N LEU A 64 -11.92 5.40 5.45
CA LEU A 64 -11.39 6.75 5.57
C LEU A 64 -12.03 7.68 4.56
N THR A 65 -12.39 8.87 4.99
CA THR A 65 -12.91 9.90 4.09
C THR A 65 -11.84 10.90 3.66
N GLU A 66 -10.68 10.89 4.29
CA GLU A 66 -9.54 11.63 3.78
C GLU A 66 -8.31 10.78 4.09
N PRO A 67 -7.27 10.86 3.27
CA PRO A 67 -6.17 9.91 3.39
C PRO A 67 -5.38 10.14 4.66
N LEU A 68 -4.67 9.11 5.08
CA LEU A 68 -3.83 9.24 6.27
C LEU A 68 -2.84 10.39 6.08
N PRO A 69 -2.40 11.02 7.15
CA PRO A 69 -1.30 11.98 7.01
C PRO A 69 -0.04 11.25 6.60
N ASP A 70 0.82 11.94 5.85
CA ASP A 70 2.02 11.27 5.37
C ASP A 70 2.96 10.87 6.50
N SER A 71 2.89 11.55 7.65
CA SER A 71 3.72 11.15 8.77
C SER A 71 3.26 9.86 9.43
N ALA A 72 2.05 9.37 9.11
CA ALA A 72 1.57 8.14 9.75
C ALA A 72 2.54 6.98 9.51
N SER A 73 3.31 7.01 8.41
CA SER A 73 4.28 5.93 8.24
C SER A 73 5.51 6.06 9.15
N ASN A 74 5.72 7.20 9.82
CA ASN A 74 6.85 7.29 10.74
C ASN A 74 6.64 6.33 11.92
N PRO A 75 7.68 5.58 12.32
CA PRO A 75 7.49 4.58 13.39
C PRO A 75 7.24 5.19 14.76
N ASP A 76 7.40 6.50 14.93
CA ASP A 76 7.05 7.13 16.21
C ASP A 76 5.89 8.12 16.06
N SER A 77 5.10 7.98 14.99
CA SER A 77 3.86 8.72 14.86
C SER A 77 2.82 8.25 15.88
N ASP A 78 2.14 9.21 16.51
CA ASP A 78 1.05 8.87 17.44
C ASP A 78 -0.33 9.10 16.83
N TYR A 79 -0.42 9.45 15.55
CA TYR A 79 -1.69 9.87 14.99
C TYR A 79 -2.72 8.76 15.06
N ARG A 80 -2.36 7.57 14.57
CA ARG A 80 -3.35 6.48 14.43
C ARG A 80 -3.82 5.94 15.79
N VAL A 81 -2.92 5.76 16.75
CA VAL A 81 -3.38 5.17 18.02
C VAL A 81 -4.30 6.12 18.77
N LYS A 82 -3.95 7.40 18.78
CA LYS A 82 -4.81 8.40 19.41
C LYS A 82 -6.14 8.50 18.68
N ARG A 83 -6.14 8.34 17.35
CA ARG A 83 -7.37 8.49 16.60
C ARG A 83 -8.28 7.28 16.78
N ASP A 84 -7.70 6.08 16.84
CA ASP A 84 -8.48 4.90 17.18
C ASP A 84 -9.10 5.02 18.56
N ALA A 85 -8.34 5.50 19.54
CA ALA A 85 -8.89 5.64 20.88
C ALA A 85 -10.03 6.67 20.89
N GLN A 86 -9.90 7.75 20.12
CA GLN A 86 -11.00 8.70 20.07
C GLN A 86 -12.22 8.09 19.37
N ASP A 87 -12.00 7.20 18.41
CA ASP A 87 -13.13 6.51 17.79
C ASP A 87 -13.96 5.77 18.83
N ILE A 88 -13.28 5.03 19.72
CA ILE A 88 -13.96 4.21 20.71
C ILE A 88 -14.73 5.08 21.69
N ALA A 89 -14.15 6.22 22.08
CA ALA A 89 -14.82 7.10 23.03
C ALA A 89 -16.07 7.72 22.42
N GLU A 90 -15.99 8.16 21.17
CA GLU A 90 -17.16 8.69 20.46
C GLU A 90 -18.19 7.59 20.21
N LEU A 91 -17.73 6.38 19.88
CA LEU A 91 -18.63 5.25 19.74
C LEU A 91 -19.37 4.97 21.05
N ALA A 92 -18.63 4.93 22.16
CA ALA A 92 -19.27 4.79 23.47
C ALA A 92 -20.29 5.91 23.71
N LYS A 93 -19.87 7.16 23.51
CA LYS A 93 -20.75 8.29 23.83
C LYS A 93 -22.00 8.30 22.96
N SER A 94 -21.95 7.74 21.75
CA SER A 94 -23.14 7.74 20.90
C SER A 94 -24.12 6.63 21.26
N LEU A 95 -23.66 5.59 21.95
CA LEU A 95 -24.49 4.43 22.27
C LEU A 95 -24.90 4.35 23.73
N SER A 96 -24.27 5.13 24.60
CA SER A 96 -24.53 5.01 26.03
C SER A 96 -24.42 6.39 26.67
N ASP A 97 -25.26 6.65 27.67
CA ASP A 97 -25.11 7.83 28.50
C ASP A 97 -24.34 7.54 29.78
N GLU A 98 -23.83 6.32 29.93
CA GLU A 98 -23.08 5.82 31.07
C GLU A 98 -21.71 5.37 30.58
N PRO A 99 -20.70 5.36 31.45
CA PRO A 99 -19.46 4.65 31.09
C PRO A 99 -19.70 3.17 30.84
N VAL A 100 -18.91 2.60 29.92
CA VAL A 100 -19.20 1.30 29.32
C VAL A 100 -18.05 0.33 29.61
N TYR A 101 -18.30 -0.92 29.26
CA TYR A 101 -17.34 -1.99 29.42
C TYR A 101 -16.50 -2.04 28.15
N ILE A 102 -15.19 -2.29 28.29
CA ILE A 102 -14.28 -2.31 27.15
C ILE A 102 -13.29 -3.46 27.31
N LEU A 103 -13.13 -4.26 26.26
CA LEU A 103 -12.03 -5.22 26.14
C LEU A 103 -11.30 -4.96 24.83
N GLY A 104 -9.97 -4.86 24.92
CA GLY A 104 -9.12 -4.84 23.74
C GLY A 104 -8.12 -5.99 23.81
N SER A 105 -7.70 -6.48 22.65
CA SER A 105 -6.74 -7.59 22.59
C SER A 105 -5.55 -7.19 21.74
N SER A 106 -4.34 -7.47 22.24
CA SER A 106 -3.09 -7.28 21.51
C SER A 106 -2.96 -5.80 21.18
N SER A 107 -2.74 -5.40 19.92
CA SER A 107 -2.65 -3.96 19.71
C SER A 107 -3.98 -3.27 19.98
N GLY A 108 -5.10 -3.99 19.91
CA GLY A 108 -6.37 -3.41 20.31
C GLY A 108 -6.44 -3.07 21.79
N SER A 109 -5.76 -3.85 22.63
CA SER A 109 -5.66 -3.48 24.05
C SER A 109 -4.80 -2.24 24.25
N ILE A 110 -3.87 -1.98 23.32
CA ILE A 110 -3.13 -0.72 23.43
C ILE A 110 -4.06 0.45 23.13
N VAL A 111 -4.92 0.32 22.12
CA VAL A 111 -5.94 1.34 21.89
C VAL A 111 -6.74 1.52 23.17
N ALA A 112 -7.12 0.40 23.78
CA ALA A 112 -7.88 0.44 25.04
C ALA A 112 -7.15 1.23 26.11
N MET A 113 -5.82 1.10 26.18
CA MET A 113 -5.06 1.84 27.19
C MET A 113 -5.20 3.34 26.93
N HIS A 114 -5.14 3.75 25.66
CA HIS A 114 -5.27 5.16 25.33
C HIS A 114 -6.70 5.67 25.53
N VAL A 115 -7.71 4.82 25.34
CA VAL A 115 -9.07 5.23 25.67
C VAL A 115 -9.16 5.57 27.14
N LEU A 116 -8.62 4.69 27.99
CA LEU A 116 -8.66 4.96 29.42
C LEU A 116 -7.80 6.16 29.77
N LYS A 117 -6.64 6.31 29.15
CA LYS A 117 -5.80 7.48 29.42
C LYS A 117 -6.50 8.77 29.05
N ASP A 118 -7.00 8.86 27.82
CA ASP A 118 -7.47 10.15 27.30
C ASP A 118 -8.96 10.39 27.48
N TYR A 119 -9.76 9.35 27.71
CA TYR A 119 -11.20 9.51 27.91
C TYR A 119 -11.66 8.63 29.07
N PRO A 120 -11.09 8.82 30.27
CA PRO A 120 -11.50 7.94 31.38
C PRO A 120 -12.96 8.05 31.72
N GLU A 121 -13.65 9.09 31.25
CA GLU A 121 -15.06 9.28 31.60
C GLU A 121 -15.95 8.30 30.86
N VAL A 122 -15.50 7.71 29.75
CA VAL A 122 -16.31 6.69 29.06
C VAL A 122 -16.09 5.29 29.60
N VAL A 123 -15.14 5.08 30.52
CA VAL A 123 -14.71 3.76 30.94
C VAL A 123 -15.36 3.40 32.28
N LYS A 124 -16.22 2.38 32.27
CA LYS A 124 -16.73 1.75 33.48
C LYS A 124 -15.77 0.67 33.99
N LYS A 125 -15.52 -0.35 33.15
CA LYS A 125 -14.53 -1.38 33.39
C LYS A 125 -13.80 -1.66 32.07
N ILE A 126 -12.53 -2.01 32.17
CA ILE A 126 -11.70 -2.20 30.98
C ILE A 126 -10.82 -3.44 31.19
N ALA A 127 -10.56 -4.16 30.11
CA ALA A 127 -9.70 -5.34 30.17
C ALA A 127 -8.66 -5.23 29.08
N PHE A 128 -7.40 -5.49 29.43
CA PHE A 128 -6.31 -5.56 28.46
C PHE A 128 -5.94 -7.03 28.25
N HIS A 129 -6.26 -7.59 27.09
CA HIS A 129 -5.99 -8.99 26.79
C HIS A 129 -4.68 -9.07 26.02
N GLU A 130 -3.65 -9.71 26.64
CA GLU A 130 -2.31 -9.92 26.12
C GLU A 130 -1.77 -8.70 25.37
N PRO A 131 -1.38 -7.62 26.06
CA PRO A 131 -0.88 -6.41 25.38
C PRO A 131 0.57 -6.58 24.95
N PRO A 132 0.93 -6.14 23.74
CA PRO A 132 2.35 -6.19 23.34
C PRO A 132 3.11 -4.88 23.52
N ILE A 133 2.53 -3.85 24.17
CA ILE A 133 3.25 -2.60 24.35
C ILE A 133 4.50 -2.82 25.19
N ASN A 134 5.57 -2.11 24.85
CA ASN A 134 6.84 -2.27 25.53
C ASN A 134 7.35 -1.02 26.22
N THR A 135 6.68 0.13 26.04
CA THR A 135 7.27 1.43 26.38
C THR A 135 7.72 1.51 27.83
N PHE A 136 6.96 0.90 28.74
CA PHE A 136 7.25 1.04 30.16
C PHE A 136 8.07 -0.12 30.72
N LEU A 137 8.44 -1.09 29.90
CA LEU A 137 9.23 -2.21 30.38
C LEU A 137 10.64 -1.75 30.76
N PRO A 138 11.28 -2.42 31.72
CA PRO A 138 12.71 -2.11 31.98
C PRO A 138 13.60 -2.37 30.79
N ASP A 139 13.20 -3.27 29.90
CA ASP A 139 13.96 -3.60 28.70
C ASP A 139 13.18 -3.17 27.46
N SER A 140 12.54 -2.01 27.54
CA SER A 140 11.75 -1.54 26.41
C SER A 140 12.60 -1.47 25.15
N THR A 141 13.87 -1.05 25.30
CA THR A 141 14.72 -0.80 24.13
C THR A 141 14.93 -2.08 23.35
N TYR A 142 15.32 -3.16 24.03
CA TYR A 142 15.47 -4.44 23.35
C TYR A 142 14.25 -4.75 22.50
N TRP A 143 13.06 -4.63 23.07
CA TRP A 143 11.86 -5.03 22.32
C TRP A 143 11.48 -4.03 21.23
N LYS A 144 11.69 -2.73 21.47
CA LYS A 144 11.45 -1.74 20.43
C LYS A 144 12.40 -1.98 19.25
N ASP A 145 13.66 -2.28 19.56
CA ASP A 145 14.67 -2.52 18.55
C ASP A 145 14.39 -3.80 17.73
N LYS A 146 13.90 -4.86 18.38
CA LYS A 146 13.43 -6.02 17.66
C LYS A 146 12.32 -5.66 16.68
N ASN A 147 11.30 -4.96 17.17
CA ASN A 147 10.19 -4.55 16.30
C ASN A 147 10.68 -3.72 15.12
N ASP A 148 11.59 -2.77 15.37
CA ASP A 148 12.08 -1.93 14.29
C ASP A 148 12.88 -2.72 13.27
N ASP A 149 13.71 -3.66 13.74
CA ASP A 149 14.59 -4.37 12.83
C ASP A 149 13.84 -5.42 12.01
N ILE A 150 12.82 -6.04 12.58
CA ILE A 150 12.08 -7.02 11.79
C ILE A 150 11.19 -6.32 10.79
N VAL A 151 10.58 -5.19 11.16
CA VAL A 151 9.83 -4.39 10.18
C VAL A 151 10.76 -3.89 9.07
N HIS A 152 11.95 -3.42 9.44
CA HIS A 152 12.90 -2.96 8.43
C HIS A 152 13.29 -4.09 7.45
N GLN A 153 13.56 -5.28 7.98
CA GLN A 153 13.86 -6.42 7.11
C GLN A 153 12.72 -6.68 6.16
N ILE A 154 11.51 -6.79 6.69
CA ILE A 154 10.36 -7.08 5.84
C ILE A 154 10.20 -6.02 4.77
N LEU A 155 10.27 -4.74 5.15
CA LEU A 155 10.06 -3.66 4.20
C LEU A 155 11.21 -3.49 3.21
N THR A 156 12.32 -4.18 3.36
CA THR A 156 13.41 -3.83 2.45
C THR A 156 14.06 -5.04 1.77
N GLU A 157 14.20 -6.16 2.46
CA GLU A 157 15.02 -7.23 1.91
C GLU A 157 14.40 -7.80 0.64
N GLY A 158 13.17 -8.30 0.73
CA GLY A 158 12.53 -8.91 -0.45
C GLY A 158 12.50 -8.00 -1.65
N LEU A 159 12.32 -6.69 -1.42
CA LEU A 159 12.35 -5.73 -2.51
C LEU A 159 13.72 -5.69 -3.20
N GLU A 160 14.79 -5.57 -2.39
CA GLU A 160 16.13 -5.49 -2.96
C GLU A 160 16.45 -6.73 -3.78
N LYS A 161 16.12 -7.91 -3.26
CA LYS A 161 16.38 -9.15 -3.98
C LYS A 161 15.56 -9.20 -5.27
N GLY A 162 14.29 -8.82 -5.19
CA GLY A 162 13.42 -8.92 -6.34
C GLY A 162 13.80 -7.98 -7.47
N MET A 163 14.31 -6.79 -7.13
CA MET A 163 14.76 -5.89 -8.18
C MET A 163 16.02 -6.44 -8.87
N LYS A 164 16.93 -7.05 -8.09
CA LYS A 164 18.10 -7.65 -8.72
C LYS A 164 17.70 -8.80 -9.62
N THR A 165 16.71 -9.60 -9.19
CA THR A 165 16.19 -10.68 -10.02
C THR A 165 15.50 -10.14 -11.26
N PHE A 166 14.76 -9.03 -11.13
CA PHE A 166 14.29 -8.35 -12.33
C PHE A 166 15.46 -7.94 -13.20
N GLY A 167 16.53 -7.44 -12.58
CA GLY A 167 17.66 -6.95 -13.35
C GLY A 167 18.31 -8.02 -14.19
N GLU A 168 18.59 -9.18 -13.59
CA GLU A 168 19.22 -10.26 -14.34
C GLU A 168 18.27 -10.86 -15.37
N THR A 169 17.01 -11.07 -15.00
CA THR A 169 16.04 -11.68 -15.90
C THR A 169 15.81 -10.83 -17.15
N LEU A 170 15.71 -9.51 -16.98
CA LEU A 170 15.50 -8.54 -18.05
C LEU A 170 16.79 -8.06 -18.68
N ASN A 171 17.93 -8.37 -18.05
CA ASN A 171 19.23 -7.98 -18.53
C ASN A 171 19.33 -6.46 -18.63
N ILE A 172 18.86 -5.76 -17.59
CA ILE A 172 19.00 -4.29 -17.55
C ILE A 172 20.48 -3.90 -17.57
N ALA A 173 20.79 -2.83 -18.30
CA ALA A 173 22.14 -2.33 -18.36
C ALA A 173 22.61 -1.80 -17.00
N PRO A 174 23.87 -2.01 -16.64
CA PRO A 174 24.43 -1.44 -15.41
C PRO A 174 24.06 0.02 -15.10
N ILE A 175 24.24 0.92 -16.08
CA ILE A 175 24.00 2.34 -15.83
C ILE A 175 22.55 2.57 -15.40
N ASP A 176 21.60 2.01 -16.15
CA ASP A 176 20.20 2.08 -15.76
C ASP A 176 19.98 1.51 -14.37
N ALA A 177 20.58 0.34 -14.11
CA ALA A 177 20.42 -0.32 -12.81
C ALA A 177 20.81 0.59 -11.66
N LYS A 178 21.97 1.27 -11.77
CA LYS A 178 22.38 2.17 -10.70
C LYS A 178 21.43 3.36 -10.58
N MET A 179 21.08 3.95 -11.72
CA MET A 179 20.16 5.08 -11.70
C MET A 179 18.81 4.68 -11.13
N MET A 180 18.27 3.54 -11.56
CA MET A 180 16.93 3.14 -11.19
C MET A 180 16.82 2.67 -9.74
N SER A 181 17.95 2.51 -9.03
CA SER A 181 17.92 2.00 -7.66
C SER A 181 18.71 2.90 -6.71
N GLN A 182 18.82 4.18 -7.02
CA GLN A 182 19.60 5.12 -6.22
C GLN A 182 18.70 5.83 -5.20
N PRO A 183 19.06 5.84 -3.91
CA PRO A 183 18.22 6.50 -2.90
C PRO A 183 18.17 8.01 -3.11
N ALA A 184 17.22 8.65 -2.43
CA ALA A 184 17.06 10.09 -2.53
C ALA A 184 17.85 10.81 -1.44
N ASP A 185 18.28 12.03 -1.77
CA ASP A 185 19.15 12.78 -0.86
C ASP A 185 18.45 13.12 0.46
N THR A 186 17.13 13.25 0.45
CA THR A 186 16.36 13.54 1.65
C THR A 186 15.70 12.28 2.18
N GLU A 187 15.06 12.41 3.33
CA GLU A 187 14.25 11.31 3.87
C GLU A 187 12.80 11.39 3.44
N GLU A 188 12.24 12.62 3.35
CA GLU A 188 10.91 12.76 2.78
C GLU A 188 10.88 12.24 1.35
N GLY A 189 11.97 12.41 0.60
CA GLY A 189 12.04 11.85 -0.75
C GLY A 189 12.34 10.37 -0.77
N ARG A 190 13.02 9.86 0.26
CA ARG A 190 13.38 8.45 0.33
C ARG A 190 12.19 7.59 0.72
N ILE A 191 11.37 8.10 1.65
CA ILE A 191 10.18 7.37 2.08
C ILE A 191 9.16 7.30 0.94
N GLU A 192 8.97 8.40 0.20
CA GLU A 192 8.12 8.38 -0.99
C GLU A 192 8.57 7.36 -2.01
N GLN A 193 9.87 7.11 -2.10
CA GLN A 193 10.39 6.29 -3.17
C GLN A 193 10.14 4.81 -2.92
N TYR A 194 10.10 4.39 -1.65
CA TYR A 194 9.63 3.05 -1.33
C TYR A 194 8.13 2.91 -1.61
N LYS A 195 7.34 3.88 -1.13
CA LYS A 195 5.91 3.90 -1.44
C LYS A 195 5.69 3.73 -2.93
N ARG A 196 6.39 4.54 -3.73
CA ARG A 196 6.12 4.60 -5.16
C ARG A 196 6.51 3.29 -5.84
N THR A 197 7.69 2.78 -5.50
CA THR A 197 8.14 1.51 -6.07
C THR A 197 7.16 0.39 -5.72
N MET A 198 6.76 0.30 -4.45
CA MET A 198 5.78 -0.71 -4.06
C MET A 198 4.51 -0.56 -4.89
N PHE A 199 4.13 0.68 -5.20
CA PHE A 199 2.89 0.90 -5.95
C PHE A 199 3.02 0.41 -7.37
N TRP A 200 4.11 0.81 -8.05
CA TRP A 200 4.37 0.35 -9.41
C TRP A 200 4.34 -1.17 -9.48
N LEU A 201 4.99 -1.82 -8.51
CA LEU A 201 5.05 -3.28 -8.46
C LEU A 201 3.66 -3.91 -8.38
N GLU A 202 2.80 -3.41 -7.49
CA GLU A 202 1.50 -4.06 -7.29
C GLU A 202 0.44 -3.60 -8.28
N PHE A 203 0.50 -2.35 -8.72
CA PHE A 203 -0.59 -1.74 -9.47
C PHE A 203 -0.25 -1.40 -10.92
N GLU A 204 1.02 -1.48 -11.32
CA GLU A 204 1.39 -1.16 -12.69
C GLU A 204 2.00 -2.32 -13.48
N ILE A 205 3.09 -2.94 -13.02
CA ILE A 205 3.91 -3.73 -13.93
C ILE A 205 3.11 -4.86 -14.57
N ARG A 206 2.42 -5.67 -13.76
CA ARG A 206 1.71 -6.85 -14.29
C ARG A 206 0.52 -6.41 -15.15
N GLN A 207 -0.24 -5.41 -14.67
CA GLN A 207 -1.39 -4.91 -15.40
C GLN A 207 -1.01 -4.27 -16.72
N TYR A 208 0.13 -3.58 -16.77
CA TYR A 208 0.47 -2.88 -18.01
C TYR A 208 1.23 -3.78 -18.98
N THR A 209 2.18 -4.60 -18.50
CA THR A 209 2.95 -5.39 -19.44
C THR A 209 2.14 -6.50 -20.08
N HIS A 210 1.00 -6.87 -19.50
CA HIS A 210 0.14 -7.86 -20.14
C HIS A 210 -1.19 -7.27 -20.59
N SER A 211 -1.18 -6.02 -21.04
CA SER A 211 -2.40 -5.33 -21.41
C SER A 211 -2.72 -5.58 -22.89
N ASN A 212 -3.87 -5.07 -23.33
CA ASN A 212 -4.53 -5.49 -24.57
C ASN A 212 -4.03 -4.66 -25.75
N ILE A 213 -2.80 -4.95 -26.17
CA ILE A 213 -2.25 -4.45 -27.42
C ILE A 213 -1.94 -5.65 -28.32
N THR A 214 -2.37 -5.59 -29.57
CA THR A 214 -1.96 -6.59 -30.55
C THR A 214 -1.09 -5.97 -31.63
N LEU A 215 -0.44 -6.86 -32.38
CA LEU A 215 0.38 -6.40 -33.50
C LEU A 215 -0.49 -5.62 -34.47
N ASP A 216 -1.73 -6.10 -34.67
CA ASP A 216 -2.72 -5.45 -35.51
C ASP A 216 -2.91 -4.00 -35.12
N ASP A 217 -2.75 -3.67 -33.84
CA ASP A 217 -2.91 -2.28 -33.43
C ASP A 217 -1.80 -1.40 -34.01
N PHE A 218 -0.59 -1.93 -34.18
CA PHE A 218 0.52 -1.14 -34.72
C PHE A 218 0.40 -0.98 -36.23
N THR A 219 -0.01 -2.07 -36.92
CA THR A 219 -0.13 -2.04 -38.38
C THR A 219 -1.19 -1.04 -38.85
N LYS A 220 -2.27 -0.88 -38.07
CA LYS A 220 -3.35 0.04 -38.40
C LYS A 220 -2.84 1.45 -38.66
N TYR A 221 -1.84 1.89 -37.90
CA TYR A 221 -1.38 3.27 -37.94
C TYR A 221 0.12 3.32 -38.08
N SER A 222 0.66 2.39 -38.87
CA SER A 222 2.11 2.12 -38.86
C SER A 222 2.90 3.36 -39.23
N ASP A 223 2.38 4.16 -40.16
CA ASP A 223 3.07 5.37 -40.62
C ASP A 223 3.31 6.38 -39.49
N LYS A 224 2.65 6.25 -38.34
CA LYS A 224 2.81 7.23 -37.27
C LYS A 224 3.89 6.87 -36.28
N ILE A 225 4.32 5.62 -36.26
CA ILE A 225 5.06 5.06 -35.14
C ILE A 225 6.54 5.00 -35.46
N THR A 226 7.36 5.48 -34.52
CA THR A 226 8.77 5.18 -34.42
C THR A 226 9.04 4.33 -33.16
N LEU A 227 9.84 3.29 -33.30
CA LEU A 227 10.33 2.54 -32.15
C LEU A 227 11.73 3.05 -31.82
N LEU A 228 11.98 3.26 -30.54
CA LEU A 228 13.25 3.77 -30.07
C LEU A 228 13.94 2.77 -29.15
N ASN A 229 15.20 2.46 -29.47
CA ASN A 229 16.09 1.63 -28.68
C ASN A 229 17.27 2.45 -28.21
N GLY A 230 17.60 2.37 -26.94
CA GLY A 230 18.76 3.07 -26.46
C GLY A 230 20.03 2.44 -26.99
N THR A 231 21.05 3.28 -27.22
CA THR A 231 22.36 2.77 -27.65
C THR A 231 23.11 2.11 -26.51
N ASP A 232 22.81 2.46 -25.25
CA ASP A 232 23.55 1.93 -24.12
C ASP A 232 22.81 0.83 -23.36
N SER A 233 21.68 0.35 -23.90
CA SER A 233 20.89 -0.69 -23.26
C SER A 233 20.75 -1.93 -24.16
N ARG A 234 21.68 -2.15 -25.07
CA ARG A 234 21.59 -3.28 -25.98
C ARG A 234 21.57 -4.59 -25.20
N GLY A 235 20.85 -5.56 -25.73
CA GLY A 235 20.70 -6.84 -25.10
C GLY A 235 19.58 -6.90 -24.07
N SER A 236 18.98 -5.78 -23.70
CA SER A 236 17.96 -5.80 -22.65
C SER A 236 16.60 -6.22 -23.23
N PHE A 237 15.73 -6.70 -22.35
CA PHE A 237 14.44 -7.24 -22.82
C PHE A 237 13.60 -6.24 -23.62
N PRO A 238 13.45 -4.96 -23.25
CA PRO A 238 12.64 -4.07 -24.08
C PRO A 238 13.13 -3.90 -25.53
N GLN A 239 14.43 -3.93 -25.77
CA GLN A 239 14.88 -3.90 -27.15
C GLN A 239 14.38 -5.11 -27.92
N ASP A 240 14.32 -6.30 -27.26
CA ASP A 240 13.77 -7.48 -27.90
C ASP A 240 12.27 -7.30 -28.21
N VAL A 241 11.54 -6.55 -27.37
CA VAL A 241 10.16 -6.22 -27.71
C VAL A 241 10.12 -5.43 -29.01
N ASN A 242 11.01 -4.44 -29.14
CA ASN A 242 11.00 -3.63 -30.37
C ASN A 242 11.45 -4.47 -31.56
N PHE A 243 12.46 -5.30 -31.39
CA PHE A 243 12.87 -6.14 -32.52
C PHE A 243 11.72 -6.99 -33.02
N TYR A 244 10.88 -7.50 -32.09
CA TYR A 244 9.74 -8.33 -32.51
C TYR A 244 8.67 -7.49 -33.22
N ILE A 245 8.33 -6.32 -32.68
CA ILE A 245 7.41 -5.43 -33.38
C ILE A 245 7.92 -5.14 -34.79
N ASN A 246 9.19 -4.78 -34.89
CA ASN A 246 9.75 -4.47 -36.19
C ASN A 246 9.69 -5.69 -37.11
N LYS A 247 10.10 -6.86 -36.58
CA LYS A 247 10.06 -8.10 -37.36
C LYS A 247 8.70 -8.31 -37.99
N GLU A 248 7.63 -8.09 -37.22
CA GLU A 248 6.32 -8.49 -37.71
C GLU A 248 5.56 -7.36 -38.41
N THR A 249 5.99 -6.10 -38.28
CA THR A 249 5.26 -4.98 -38.84
C THR A 249 6.04 -4.13 -39.84
N GLY A 250 7.38 -4.18 -39.83
CA GLY A 250 8.18 -3.28 -40.66
C GLY A 250 8.39 -1.88 -40.09
N ILE A 251 7.76 -1.54 -38.96
CA ILE A 251 7.88 -0.21 -38.34
C ILE A 251 9.33 0.03 -37.93
N PRO A 252 9.94 1.15 -38.30
CA PRO A 252 11.40 1.28 -38.12
C PRO A 252 11.79 1.46 -36.66
N ILE A 253 12.98 0.96 -36.34
CA ILE A 253 13.63 1.18 -35.06
C ILE A 253 14.65 2.28 -35.25
N VAL A 254 14.59 3.31 -34.44
CA VAL A 254 15.60 4.37 -34.43
C VAL A 254 16.46 4.19 -33.19
N ASP A 255 17.77 4.30 -33.33
CA ASP A 255 18.62 4.29 -32.14
C ASP A 255 18.76 5.70 -31.59
N ILE A 256 18.83 5.79 -30.26
CA ILE A 256 18.82 7.09 -29.57
C ILE A 256 19.80 6.97 -28.39
N PRO A 257 20.50 8.02 -28.00
CA PRO A 257 21.56 7.84 -27.01
C PRO A 257 21.02 7.46 -25.65
N GLY A 258 21.91 6.95 -24.79
CA GLY A 258 21.52 6.54 -23.46
C GLY A 258 20.89 5.16 -23.39
N GLY A 259 20.51 4.78 -22.17
CA GLY A 259 19.87 3.51 -21.87
C GLY A 259 18.37 3.62 -21.71
N HIS A 260 17.81 2.80 -20.81
CA HIS A 260 16.37 2.86 -20.55
C HIS A 260 15.96 4.26 -20.09
N LEU A 261 16.88 4.98 -19.45
CA LEU A 261 16.64 6.32 -18.96
C LEU A 261 17.39 7.35 -19.81
N GLY A 262 17.56 7.07 -21.11
CA GLY A 262 18.43 7.88 -21.95
C GLY A 262 18.04 9.35 -22.02
N TYR A 263 16.74 9.64 -21.89
CA TYR A 263 16.26 11.02 -21.98
C TYR A 263 16.81 11.91 -20.87
N ILE A 264 17.28 11.33 -19.77
CA ILE A 264 17.92 12.13 -18.73
C ILE A 264 19.39 11.76 -18.55
N GLN A 265 19.81 10.57 -18.97
CA GLN A 265 21.23 10.27 -18.98
C GLN A 265 21.97 11.14 -20.00
N LYS A 266 21.38 11.33 -21.18
CA LYS A 266 22.02 12.05 -22.29
C LYS A 266 21.00 12.93 -23.01
N PRO A 267 20.52 14.00 -22.34
CA PRO A 267 19.40 14.80 -22.91
C PRO A 267 19.72 15.45 -24.24
N GLU A 268 20.95 15.93 -24.40
CA GLU A 268 21.36 16.59 -25.64
C GLU A 268 21.27 15.63 -26.83
N GLY A 269 21.95 14.47 -26.74
CA GLY A 269 21.91 13.52 -27.83
C GLY A 269 20.54 12.89 -28.02
N PHE A 270 19.81 12.67 -26.93
CA PHE A 270 18.42 12.24 -27.04
C PHE A 270 17.63 13.23 -27.89
N ALA A 271 17.75 14.51 -27.56
CA ALA A 271 17.01 15.54 -28.27
C ALA A 271 17.44 15.63 -29.73
N ASP A 272 18.74 15.47 -30.03
CA ASP A 272 19.16 15.65 -31.42
C ASP A 272 18.47 14.64 -32.33
N VAL A 273 18.21 13.44 -31.80
CA VAL A 273 17.53 12.43 -32.60
C VAL A 273 16.04 12.77 -32.74
N LEU A 274 15.40 13.21 -31.64
CA LEU A 274 13.99 13.58 -31.75
C LEU A 274 13.80 14.77 -32.68
N LEU A 275 14.75 15.70 -32.72
CA LEU A 275 14.62 16.80 -33.68
C LEU A 275 14.79 16.33 -35.11
N ASN A 276 15.67 15.35 -35.33
CA ASN A 276 15.83 14.78 -36.67
C ASN A 276 14.54 14.07 -37.10
N MET A 277 13.91 13.31 -36.19
CA MET A 277 12.63 12.69 -36.55
C MET A 277 11.49 13.69 -36.72
N TRP A 278 11.33 14.61 -35.79
CA TRP A 278 10.08 15.35 -35.74
C TRP A 278 10.22 16.85 -35.85
N GLY A 279 11.43 17.40 -35.78
CA GLY A 279 11.63 18.84 -35.70
C GLY A 279 11.73 19.52 -37.04
N GLY B 3 6.23 26.09 -10.69
CA GLY B 3 4.80 25.85 -10.76
C GLY B 3 4.43 24.95 -11.92
N MET B 4 3.51 24.01 -11.67
CA MET B 4 3.02 23.03 -12.62
C MET B 4 1.63 23.45 -13.07
N GLU B 5 1.17 22.89 -14.19
CA GLU B 5 -0.16 23.14 -14.70
C GLU B 5 -1.11 22.01 -14.29
N THR B 6 -2.42 22.31 -14.34
CA THR B 6 -3.44 21.39 -13.86
C THR B 6 -4.55 21.22 -14.89
N LEU B 7 -4.91 19.96 -15.17
CA LEU B 7 -6.13 19.64 -15.89
C LEU B 7 -6.98 18.73 -15.01
N GLU B 8 -8.22 19.14 -14.75
CA GLU B 8 -9.11 18.38 -13.88
C GLU B 8 -9.91 17.41 -14.72
N LEU B 9 -9.74 16.12 -14.46
CA LEU B 9 -10.42 15.06 -15.20
C LEU B 9 -11.27 14.23 -14.24
N GLN B 10 -12.02 13.27 -14.80
CA GLN B 10 -12.83 12.40 -13.96
C GLN B 10 -11.91 11.73 -12.96
N GLY B 11 -12.18 11.91 -11.67
CA GLY B 11 -11.50 11.14 -10.67
C GLY B 11 -10.05 11.48 -10.42
N ALA B 12 -9.52 12.56 -11.01
CA ALA B 12 -8.14 12.96 -10.78
C ALA B 12 -7.90 14.40 -11.22
N LYS B 13 -6.94 15.02 -10.54
CA LYS B 13 -6.36 16.29 -10.98
C LYS B 13 -4.99 15.94 -11.54
N LEU B 14 -4.83 16.09 -12.85
CA LEU B 14 -3.61 15.72 -13.57
C LEU B 14 -2.69 16.93 -13.66
N ARG B 15 -1.47 16.79 -13.18
CA ARG B 15 -0.47 17.84 -13.17
C ARG B 15 0.64 17.54 -14.17
N TYR B 16 1.20 18.60 -14.76
CA TYR B 16 2.18 18.46 -15.83
C TYR B 16 3.01 19.73 -15.94
N HIS B 17 4.29 19.54 -16.28
CA HIS B 17 5.15 20.66 -16.65
C HIS B 17 4.88 21.04 -18.10
N GLN B 18 4.97 22.33 -18.39
CA GLN B 18 4.88 22.82 -19.76
C GLN B 18 5.98 23.84 -20.03
N VAL B 19 6.87 23.51 -20.97
CA VAL B 19 8.02 24.33 -21.34
C VAL B 19 8.11 24.41 -22.86
N GLY B 20 8.16 25.62 -23.37
CA GLY B 20 8.57 25.92 -24.73
C GLY B 20 7.42 26.46 -25.58
N GLN B 21 7.68 26.51 -26.89
CA GLN B 21 6.61 26.74 -27.85
C GLN B 21 6.88 26.00 -29.15
N GLY B 22 5.84 26.01 -29.99
CA GLY B 22 5.77 25.13 -31.12
C GLY B 22 4.74 24.06 -30.89
N PRO B 23 4.69 23.08 -31.80
CA PRO B 23 3.71 21.99 -31.66
C PRO B 23 3.86 21.25 -30.33
N VAL B 24 2.75 20.69 -29.87
CA VAL B 24 2.73 20.06 -28.57
C VAL B 24 3.41 18.70 -28.66
N LEU B 25 4.27 18.41 -27.68
CA LEU B 25 4.97 17.14 -27.57
C LEU B 25 4.77 16.62 -26.14
N ILE B 26 3.98 15.57 -25.97
CA ILE B 26 3.67 15.03 -24.65
C ILE B 26 4.66 13.92 -24.31
N PHE B 27 5.32 14.04 -23.16
CA PHE B 27 6.20 12.99 -22.63
C PHE B 27 5.47 12.23 -21.53
N ILE B 28 5.43 10.90 -21.64
CA ILE B 28 4.75 10.01 -20.69
C ILE B 28 5.80 9.20 -19.94
N PRO B 29 5.93 9.35 -18.63
CA PRO B 29 6.97 8.66 -17.88
C PRO B 29 6.63 7.19 -17.66
N GLY B 30 7.68 6.39 -17.51
CA GLY B 30 7.55 5.02 -17.06
C GLY B 30 7.54 4.86 -15.56
N ALA B 31 8.44 4.02 -15.04
CA ALA B 31 8.32 3.51 -13.68
C ALA B 31 8.31 4.64 -12.64
N ASN B 32 9.09 5.70 -12.85
CA ASN B 32 9.12 6.77 -11.87
C ASN B 32 7.82 7.58 -11.86
N GLY B 33 7.04 7.51 -12.94
CA GLY B 33 5.69 8.02 -13.02
C GLY B 33 5.51 9.54 -13.07
N THR B 34 6.59 10.34 -12.99
CA THR B 34 6.51 11.78 -12.92
C THR B 34 7.26 12.46 -14.08
N GLY B 35 6.83 13.67 -14.44
CA GLY B 35 7.36 14.34 -15.60
C GLY B 35 8.70 15.02 -15.39
N ASP B 36 9.10 15.25 -14.15
CA ASP B 36 10.33 16.01 -13.91
C ASP B 36 11.53 15.35 -14.59
N ILE B 37 11.51 14.03 -14.71
CA ILE B 37 12.62 13.29 -15.34
C ILE B 37 12.83 13.71 -16.79
N PHE B 38 11.85 14.36 -17.40
CA PHE B 38 12.01 14.83 -18.77
C PHE B 38 12.46 16.29 -18.89
N LEU B 39 12.57 17.05 -17.80
CA LEU B 39 12.86 18.47 -17.96
C LEU B 39 14.21 18.78 -18.57
N PRO B 40 15.32 18.12 -18.22
CA PRO B 40 16.56 18.43 -18.97
C PRO B 40 16.40 18.19 -20.46
N LEU B 41 15.66 17.14 -20.85
CA LEU B 41 15.34 16.96 -22.26
C LEU B 41 14.48 18.12 -22.78
N ALA B 42 13.43 18.46 -22.04
CA ALA B 42 12.56 19.56 -22.44
C ALA B 42 13.36 20.82 -22.71
N GLU B 43 14.42 21.02 -21.94
CA GLU B 43 15.21 22.24 -22.13
C GLU B 43 15.88 22.25 -23.49
N GLN B 44 16.18 21.08 -24.04
CA GLN B 44 16.83 21.03 -25.33
C GLN B 44 15.83 21.21 -26.47
N LEU B 45 14.55 20.97 -26.23
CA LEU B 45 13.55 20.99 -27.28
C LEU B 45 12.67 22.23 -27.27
N LYS B 46 12.84 23.15 -26.31
CA LYS B 46 11.81 24.14 -26.05
C LYS B 46 11.64 25.14 -27.20
N ASP B 47 12.66 25.33 -28.05
CA ASP B 47 12.52 26.26 -29.17
C ASP B 47 11.83 25.63 -30.35
N HIS B 48 11.50 24.34 -30.26
CA HIS B 48 10.86 23.60 -31.34
C HIS B 48 9.51 23.03 -30.97
N PHE B 49 9.26 22.74 -29.69
CA PHE B 49 8.02 22.10 -29.26
C PHE B 49 7.51 22.78 -28.00
N THR B 50 6.19 22.84 -27.86
CA THR B 50 5.61 23.04 -26.55
C THR B 50 5.69 21.69 -25.83
N VAL B 51 6.76 21.50 -25.05
CA VAL B 51 6.94 20.26 -24.32
C VAL B 51 5.96 20.20 -23.15
N VAL B 52 5.31 19.07 -22.98
CA VAL B 52 4.37 18.79 -21.91
C VAL B 52 4.83 17.50 -21.24
N ALA B 53 5.26 17.57 -19.98
CA ALA B 53 5.82 16.42 -19.27
C ALA B 53 4.86 16.08 -18.13
N VAL B 54 4.20 14.92 -18.21
CA VAL B 54 3.05 14.62 -17.35
C VAL B 54 3.48 13.86 -16.10
N ASP B 55 2.93 14.28 -14.96
CA ASP B 55 2.83 13.43 -13.78
C ASP B 55 1.58 12.57 -13.98
N ARG B 56 1.75 11.30 -14.32
CA ARG B 56 0.57 10.44 -14.44
C ARG B 56 -0.24 10.48 -13.13
N ARG B 57 -1.55 10.17 -13.23
CA ARG B 57 -2.48 10.60 -12.18
C ARG B 57 -2.20 9.97 -10.80
N ASP B 58 -1.56 8.81 -10.74
CA ASP B 58 -1.26 8.22 -9.44
C ASP B 58 0.07 8.67 -8.83
N TYR B 59 0.76 9.64 -9.44
CA TYR B 59 2.10 9.96 -9.00
C TYR B 59 2.32 11.47 -8.91
N GLY B 60 3.41 11.83 -8.23
CA GLY B 60 3.89 13.19 -8.29
C GLY B 60 2.90 14.16 -7.69
N GLU B 61 2.74 15.29 -8.37
CA GLU B 61 1.82 16.35 -7.96
C GLU B 61 0.40 16.13 -8.44
N SER B 62 0.14 15.14 -9.29
CA SER B 62 -1.23 14.76 -9.55
C SER B 62 -1.85 14.20 -8.26
N GLU B 63 -3.18 14.14 -8.24
CA GLU B 63 -3.86 13.55 -7.09
C GLU B 63 -5.15 12.92 -7.57
N LEU B 64 -5.51 11.78 -7.00
CA LEU B 64 -6.85 11.25 -7.23
C LEU B 64 -7.88 12.04 -6.44
N THR B 65 -9.07 12.12 -7.01
CA THR B 65 -10.21 12.73 -6.33
C THR B 65 -11.30 11.73 -5.98
N GLU B 66 -11.16 10.47 -6.41
CA GLU B 66 -11.90 9.29 -6.01
C GLU B 66 -10.88 8.18 -5.77
N PRO B 67 -11.16 7.25 -4.86
CA PRO B 67 -10.26 6.09 -4.69
C PRO B 67 -10.15 5.24 -5.97
N LEU B 68 -9.00 4.62 -6.16
CA LEU B 68 -8.87 3.54 -7.13
C LEU B 68 -9.95 2.48 -6.91
N PRO B 69 -10.42 1.79 -7.93
CA PRO B 69 -11.35 0.68 -7.68
C PRO B 69 -10.64 -0.45 -6.96
N ASP B 70 -11.39 -1.20 -6.15
CA ASP B 70 -10.77 -2.29 -5.40
C ASP B 70 -10.11 -3.31 -6.33
N SER B 71 -10.70 -3.56 -7.49
CA SER B 71 -10.14 -4.49 -8.46
C SER B 71 -8.85 -4.00 -9.11
N ALA B 72 -8.39 -2.79 -8.82
CA ALA B 72 -7.17 -2.32 -9.47
C ALA B 72 -5.95 -3.12 -9.02
N SER B 73 -6.01 -3.74 -7.83
CA SER B 73 -4.94 -4.62 -7.38
C SER B 73 -4.95 -5.96 -8.08
N ASN B 74 -6.02 -6.29 -8.80
CA ASN B 74 -6.05 -7.51 -9.61
C ASN B 74 -4.98 -7.41 -10.70
N PRO B 75 -4.12 -8.42 -10.88
CA PRO B 75 -3.07 -8.31 -11.90
C PRO B 75 -3.62 -8.23 -13.33
N ASP B 76 -4.81 -8.77 -13.58
N ASP B 76 -4.80 -8.76 -13.60
CA ASP B 76 -5.44 -8.70 -14.89
CA ASP B 76 -5.39 -8.66 -14.93
C ASP B 76 -6.23 -7.41 -15.09
C ASP B 76 -6.19 -7.38 -15.12
N SER B 77 -6.18 -6.48 -14.15
CA SER B 77 -6.90 -5.22 -14.28
C SER B 77 -6.35 -4.34 -15.40
N ASP B 78 -7.22 -3.78 -16.22
CA ASP B 78 -6.78 -2.75 -17.15
C ASP B 78 -7.36 -1.37 -16.81
N TYR B 79 -7.90 -1.16 -15.61
CA TYR B 79 -8.46 0.16 -15.30
C TYR B 79 -7.42 1.28 -15.41
N ARG B 80 -6.26 1.09 -14.78
CA ARG B 80 -5.24 2.14 -14.70
C ARG B 80 -4.66 2.49 -16.07
N VAL B 81 -4.29 1.48 -16.88
CA VAL B 81 -3.63 1.80 -18.14
C VAL B 81 -4.60 2.53 -19.07
N LYS B 82 -5.87 2.12 -19.08
CA LYS B 82 -6.89 2.79 -19.88
C LYS B 82 -7.10 4.23 -19.43
N ARG B 83 -7.25 4.44 -18.11
CA ARG B 83 -7.45 5.77 -17.54
C ARG B 83 -6.25 6.69 -17.86
N ASP B 84 -5.03 6.17 -17.71
CA ASP B 84 -3.84 6.93 -18.09
C ASP B 84 -3.90 7.32 -19.56
N ALA B 85 -4.24 6.36 -20.44
CA ALA B 85 -4.33 6.66 -21.86
C ALA B 85 -5.39 7.72 -22.12
N GLN B 86 -6.54 7.58 -21.46
CA GLN B 86 -7.59 8.58 -21.62
C GLN B 86 -7.17 9.95 -21.09
N ASP B 87 -6.36 10.00 -20.02
CA ASP B 87 -5.84 11.30 -19.56
C ASP B 87 -5.03 12.00 -20.65
N ILE B 88 -4.14 11.26 -21.31
CA ILE B 88 -3.25 11.89 -22.28
C ILE B 88 -4.05 12.43 -23.46
N ALA B 89 -5.03 11.65 -23.92
CA ALA B 89 -5.94 12.11 -24.96
C ALA B 89 -6.67 13.37 -24.53
N GLU B 90 -7.19 13.40 -23.30
CA GLU B 90 -7.87 14.60 -22.84
C GLU B 90 -6.90 15.77 -22.73
N LEU B 91 -5.67 15.49 -22.31
CA LEU B 91 -4.69 16.57 -22.21
C LEU B 91 -4.35 17.11 -23.59
N ALA B 92 -4.12 16.20 -24.55
CA ALA B 92 -3.90 16.64 -25.92
C ALA B 92 -5.05 17.49 -26.43
N LYS B 93 -6.30 17.04 -26.23
CA LYS B 93 -7.44 17.79 -26.74
C LYS B 93 -7.57 19.14 -26.07
N SER B 94 -7.09 19.27 -24.84
CA SER B 94 -7.17 20.56 -24.16
C SER B 94 -6.02 21.51 -24.51
N LEU B 95 -4.98 21.02 -25.18
CA LEU B 95 -3.82 21.85 -25.46
C LEU B 95 -3.65 22.19 -26.93
N SER B 96 -4.34 21.47 -27.82
CA SER B 96 -4.19 21.65 -29.26
C SER B 96 -5.49 21.32 -29.94
N ASP B 97 -5.77 22.04 -31.01
CA ASP B 97 -6.83 21.57 -31.89
C ASP B 97 -6.31 20.66 -32.99
N GLU B 98 -5.00 20.46 -33.06
CA GLU B 98 -4.46 19.48 -34.00
C GLU B 98 -3.91 18.26 -33.26
N PRO B 99 -3.90 17.08 -33.89
CA PRO B 99 -3.20 15.93 -33.31
C PRO B 99 -1.78 16.31 -32.91
N VAL B 100 -1.24 15.65 -31.88
CA VAL B 100 0.01 16.11 -31.28
C VAL B 100 1.06 15.03 -31.41
N TYR B 101 2.29 15.38 -31.04
CA TYR B 101 3.39 14.43 -30.92
C TYR B 101 3.41 13.83 -29.51
N ILE B 102 3.67 12.53 -29.40
CA ILE B 102 3.64 11.84 -28.12
C ILE B 102 4.80 10.85 -28.04
N LEU B 103 5.58 10.93 -26.97
CA LEU B 103 6.61 9.93 -26.69
C LEU B 103 6.37 9.35 -25.31
N GLY B 104 6.28 8.03 -25.24
CA GLY B 104 6.20 7.33 -23.98
C GLY B 104 7.44 6.46 -23.81
N SER B 105 7.91 6.33 -22.57
CA SER B 105 9.04 5.45 -22.30
C SER B 105 8.67 4.37 -21.29
N SER B 106 9.07 3.12 -21.57
CA SER B 106 8.92 1.93 -20.71
C SER B 106 7.43 1.74 -20.42
N SER B 107 6.98 1.66 -19.16
CA SER B 107 5.55 1.51 -18.94
C SER B 107 4.80 2.70 -19.53
N GLY B 108 5.49 3.84 -19.66
CA GLY B 108 4.88 5.01 -20.30
C GLY B 108 4.69 4.85 -21.79
N SER B 109 5.56 4.07 -22.44
CA SER B 109 5.29 3.70 -23.82
C SER B 109 4.08 2.78 -23.94
N ILE B 110 3.76 2.00 -22.90
CA ILE B 110 2.55 1.19 -22.99
C ILE B 110 1.29 2.08 -22.91
N VAL B 111 1.31 3.10 -22.04
CA VAL B 111 0.21 4.07 -22.07
C VAL B 111 0.09 4.66 -23.46
N ALA B 112 1.22 5.10 -24.02
CA ALA B 112 1.23 5.65 -25.38
C ALA B 112 0.57 4.71 -26.39
N MET B 113 0.82 3.40 -26.28
CA MET B 113 0.18 2.45 -27.20
C MET B 113 -1.35 2.49 -27.09
N HIS B 114 -1.88 2.57 -25.86
CA HIS B 114 -3.33 2.63 -25.65
C HIS B 114 -3.92 3.98 -26.06
N VAL B 115 -3.14 5.06 -26.00
CA VAL B 115 -3.60 6.30 -26.59
C VAL B 115 -3.83 6.13 -28.09
N LEU B 116 -2.91 5.42 -28.75
CA LEU B 116 -3.05 5.24 -30.19
C LEU B 116 -4.24 4.35 -30.52
N LYS B 117 -4.39 3.25 -29.77
CA LYS B 117 -5.44 2.27 -30.05
C LYS B 117 -6.83 2.88 -29.86
N ASP B 118 -7.03 3.56 -28.74
CA ASP B 118 -8.33 4.04 -28.36
C ASP B 118 -8.59 5.49 -28.75
N TYR B 119 -7.57 6.31 -28.94
CA TYR B 119 -7.76 7.71 -29.35
C TYR B 119 -6.80 8.09 -30.46
N PRO B 120 -6.83 7.38 -31.61
CA PRO B 120 -5.88 7.72 -32.67
C PRO B 120 -6.03 9.16 -33.15
N GLU B 121 -7.23 9.72 -33.01
CA GLU B 121 -7.53 11.08 -33.45
C GLU B 121 -6.58 12.12 -32.87
N VAL B 122 -5.89 11.84 -31.76
CA VAL B 122 -5.02 12.85 -31.15
C VAL B 122 -3.55 12.67 -31.52
N VAL B 123 -3.20 11.65 -32.30
CA VAL B 123 -1.80 11.32 -32.55
C VAL B 123 -1.44 11.81 -33.95
N LYS B 124 -0.45 12.70 -34.01
CA LYS B 124 0.20 13.05 -35.27
C LYS B 124 1.33 12.05 -35.53
N LYS B 125 2.33 12.03 -34.65
CA LYS B 125 3.34 10.98 -34.59
C LYS B 125 3.48 10.51 -33.15
N ILE B 126 3.91 9.26 -32.98
CA ILE B 126 4.07 8.69 -31.65
C ILE B 126 5.33 7.85 -31.63
N ALA B 127 6.02 7.87 -30.50
CA ALA B 127 7.26 7.13 -30.33
C ALA B 127 7.16 6.25 -29.10
N PHE B 128 7.53 4.99 -29.26
CA PHE B 128 7.54 4.00 -28.19
C PHE B 128 9.01 3.74 -27.82
N HIS B 129 9.47 4.32 -26.71
CA HIS B 129 10.87 4.11 -26.26
C HIS B 129 10.93 2.90 -25.30
N GLU B 130 11.63 1.83 -25.74
CA GLU B 130 11.89 0.63 -24.94
C GLU B 130 10.67 0.08 -24.20
N PRO B 131 9.69 -0.47 -24.89
CA PRO B 131 8.47 -0.93 -24.24
C PRO B 131 8.62 -2.32 -23.63
N PRO B 132 8.11 -2.54 -22.43
CA PRO B 132 8.22 -3.87 -21.81
C PRO B 132 6.95 -4.72 -21.88
N ILE B 133 6.02 -4.37 -22.76
CA ILE B 133 4.79 -5.14 -22.91
C ILE B 133 5.11 -6.49 -23.57
N ASN B 134 4.48 -7.56 -23.08
CA ASN B 134 4.73 -8.89 -23.56
C ASN B 134 3.53 -9.57 -24.20
N THR B 135 2.35 -8.92 -24.19
CA THR B 135 1.11 -9.63 -24.52
C THR B 135 1.17 -10.31 -25.89
N PHE B 136 1.78 -9.65 -26.87
CA PHE B 136 1.80 -10.12 -28.25
C PHE B 136 3.04 -10.91 -28.60
N LEU B 137 3.97 -11.09 -27.65
CA LEU B 137 5.19 -11.85 -27.90
C LEU B 137 4.89 -13.33 -28.10
N PRO B 138 5.68 -14.03 -28.92
CA PRO B 138 5.44 -15.47 -29.12
C PRO B 138 5.81 -16.28 -27.91
N ASP B 139 6.61 -15.72 -27.01
CA ASP B 139 6.98 -16.28 -25.71
C ASP B 139 6.29 -15.50 -24.58
N SER B 140 5.05 -15.09 -24.83
N SER B 140 5.03 -15.11 -24.80
CA SER B 140 4.37 -14.24 -23.87
CA SER B 140 4.39 -14.22 -23.84
C SER B 140 4.25 -14.95 -22.52
C SER B 140 4.13 -14.92 -22.51
N THR B 141 3.84 -16.23 -22.53
CA THR B 141 3.65 -16.96 -21.28
C THR B 141 4.89 -16.91 -20.42
N TYR B 142 6.07 -17.09 -21.03
CA TYR B 142 7.34 -16.97 -20.32
C TYR B 142 7.44 -15.64 -19.56
N TRP B 143 7.23 -14.53 -20.25
CA TRP B 143 7.48 -13.24 -19.61
C TRP B 143 6.34 -12.84 -18.67
N LYS B 144 5.10 -13.18 -19.01
CA LYS B 144 3.99 -12.93 -18.08
C LYS B 144 4.22 -13.66 -16.76
N ASP B 145 4.61 -14.94 -16.84
CA ASP B 145 4.76 -15.71 -15.62
C ASP B 145 6.01 -15.33 -14.84
N LYS B 146 7.08 -14.88 -15.52
CA LYS B 146 8.21 -14.29 -14.79
C LYS B 146 7.75 -13.09 -13.99
N ASN B 147 7.10 -12.12 -14.65
CA ASN B 147 6.60 -10.94 -13.93
C ASN B 147 5.71 -11.31 -12.74
N ASP B 148 4.76 -12.21 -12.95
CA ASP B 148 3.88 -12.63 -11.85
C ASP B 148 4.68 -13.26 -10.71
N ASP B 149 5.65 -14.11 -11.04
CA ASP B 149 6.37 -14.78 -9.97
C ASP B 149 7.26 -13.81 -9.19
N ILE B 150 7.94 -12.90 -9.88
CA ILE B 150 8.85 -12.01 -9.16
C ILE B 150 8.09 -11.01 -8.32
N VAL B 151 7.02 -10.42 -8.85
CA VAL B 151 6.20 -9.53 -8.02
C VAL B 151 5.68 -10.29 -6.80
N HIS B 152 5.16 -11.50 -7.02
CA HIS B 152 4.64 -12.29 -5.91
C HIS B 152 5.73 -12.56 -4.88
N GLN B 153 6.92 -12.99 -5.34
CA GLN B 153 8.02 -13.20 -4.42
C GLN B 153 8.29 -11.93 -3.62
N ILE B 154 8.46 -10.80 -4.31
CA ILE B 154 8.70 -9.53 -3.63
C ILE B 154 7.62 -9.26 -2.59
N LEU B 155 6.36 -9.50 -2.95
CA LEU B 155 5.27 -9.07 -2.09
C LEU B 155 5.12 -9.98 -0.87
N THR B 156 5.47 -11.26 -0.99
CA THR B 156 5.13 -12.23 0.04
C THR B 156 6.32 -12.81 0.78
N GLU B 157 7.47 -12.97 0.13
CA GLU B 157 8.55 -13.79 0.68
C GLU B 157 9.10 -13.24 2.00
N GLY B 158 9.55 -11.99 1.99
CA GLY B 158 10.11 -11.40 3.21
C GLY B 158 9.09 -11.20 4.32
N LEU B 159 7.81 -11.04 3.95
CA LEU B 159 6.73 -10.99 4.92
C LEU B 159 6.52 -12.34 5.59
N GLU B 160 6.51 -13.42 4.81
CA GLU B 160 6.36 -14.75 5.39
C GLU B 160 7.53 -15.07 6.32
N LYS B 161 8.75 -14.69 5.93
CA LYS B 161 9.91 -14.89 6.80
C LYS B 161 9.83 -14.03 8.06
N GLY B 162 9.45 -12.76 7.93
CA GLY B 162 9.45 -11.88 9.08
C GLY B 162 8.40 -12.25 10.13
N MET B 163 7.18 -12.54 9.67
CA MET B 163 6.18 -13.11 10.56
C MET B 163 6.70 -14.34 11.30
N LYS B 164 7.35 -15.26 10.58
CA LYS B 164 7.92 -16.44 11.24
C LYS B 164 8.95 -16.03 12.29
N THR B 165 9.76 -15.01 11.98
CA THR B 165 10.75 -14.52 12.94
C THR B 165 10.07 -13.82 14.11
N PHE B 166 8.94 -13.19 13.86
CA PHE B 166 8.25 -12.45 14.91
C PHE B 166 7.72 -13.45 15.95
N GLY B 167 6.96 -14.45 15.49
CA GLY B 167 6.40 -15.45 16.37
C GLY B 167 7.43 -16.24 17.14
N GLU B 168 8.67 -16.23 16.68
CA GLU B 168 9.70 -16.99 17.33
C GLU B 168 10.47 -16.11 18.32
N THR B 169 10.61 -14.82 18.01
CA THR B 169 11.21 -13.88 18.94
C THR B 169 10.32 -13.67 20.16
N LEU B 170 9.01 -13.65 19.93
CA LEU B 170 7.99 -13.37 20.92
C LEU B 170 7.47 -14.62 21.60
N ASN B 171 7.85 -15.81 21.09
CA ASN B 171 7.37 -17.10 21.58
C ASN B 171 5.86 -17.22 21.46
N ILE B 172 5.31 -16.71 20.34
CA ILE B 172 3.88 -16.87 20.09
C ILE B 172 3.54 -18.35 20.08
N ALA B 173 2.37 -18.69 20.62
CA ALA B 173 1.98 -20.09 20.67
C ALA B 173 1.81 -20.65 19.25
N PRO B 174 2.16 -21.92 19.05
CA PRO B 174 1.92 -22.56 17.76
C PRO B 174 0.49 -22.44 17.24
N ILE B 175 -0.52 -22.62 18.08
CA ILE B 175 -1.89 -22.49 17.62
C ILE B 175 -2.18 -21.07 17.13
N ASP B 176 -1.63 -20.06 17.82
CA ASP B 176 -1.85 -18.69 17.38
C ASP B 176 -1.14 -18.39 16.07
N ALA B 177 0.15 -18.74 15.98
CA ALA B 177 0.86 -18.53 14.72
C ALA B 177 0.17 -19.25 13.56
N LYS B 178 -0.29 -20.48 13.80
CA LYS B 178 -1.09 -21.21 12.82
C LYS B 178 -2.28 -20.39 12.34
N MET B 179 -3.03 -19.83 13.29
CA MET B 179 -4.28 -19.15 12.96
C MET B 179 -4.04 -17.81 12.28
N MET B 180 -3.05 -17.04 12.73
CA MET B 180 -2.89 -15.68 12.23
C MET B 180 -2.17 -15.60 10.89
N SER B 181 -1.68 -16.73 10.38
CA SER B 181 -0.98 -16.77 9.09
C SER B 181 -1.72 -17.58 8.03
N GLN B 182 -2.72 -18.37 8.43
CA GLN B 182 -3.51 -19.17 7.52
C GLN B 182 -4.01 -18.34 6.34
N PRO B 183 -3.76 -18.75 5.11
CA PRO B 183 -4.18 -17.92 3.97
C PRO B 183 -5.69 -17.85 3.86
N ALA B 184 -6.16 -16.75 3.30
CA ALA B 184 -7.57 -16.67 2.92
C ALA B 184 -7.86 -17.73 1.88
N ASP B 185 -9.15 -18.00 1.67
CA ASP B 185 -9.57 -19.08 0.80
C ASP B 185 -9.94 -18.62 -0.61
N THR B 186 -9.72 -17.35 -0.94
CA THR B 186 -9.93 -16.82 -2.29
C THR B 186 -8.70 -16.06 -2.70
N GLU B 187 -8.46 -15.96 -4.01
CA GLU B 187 -7.42 -15.06 -4.50
C GLU B 187 -7.70 -13.63 -4.04
N GLU B 188 -8.95 -13.19 -4.14
CA GLU B 188 -9.28 -11.85 -3.69
C GLU B 188 -9.16 -11.74 -2.18
N GLY B 189 -9.46 -12.81 -1.44
CA GLY B 189 -9.29 -12.74 0.01
C GLY B 189 -7.84 -12.63 0.43
N ARG B 190 -6.95 -13.32 -0.30
CA ARG B 190 -5.52 -13.29 0.04
C ARG B 190 -4.90 -11.95 -0.29
N ILE B 191 -5.35 -11.31 -1.38
CA ILE B 191 -4.81 -9.99 -1.71
C ILE B 191 -5.08 -9.01 -0.59
N GLU B 192 -6.32 -9.02 -0.07
CA GLU B 192 -6.67 -8.12 1.02
C GLU B 192 -5.98 -8.52 2.33
N GLN B 193 -5.89 -9.83 2.59
CA GLN B 193 -5.10 -10.30 3.71
C GLN B 193 -3.67 -9.79 3.67
N TYR B 194 -3.02 -9.91 2.51
CA TYR B 194 -1.67 -9.37 2.35
C TYR B 194 -1.65 -7.87 2.64
N LYS B 195 -2.54 -7.11 2.02
CA LYS B 195 -2.57 -5.66 2.21
C LYS B 195 -2.81 -5.31 3.68
N ARG B 196 -3.69 -6.07 4.34
CA ARG B 196 -3.96 -5.84 5.76
C ARG B 196 -2.70 -6.08 6.58
N THR B 197 -2.05 -7.24 6.40
CA THR B 197 -0.85 -7.52 7.17
C THR B 197 0.22 -6.48 6.88
N MET B 198 0.32 -6.06 5.63
CA MET B 198 1.37 -5.12 5.25
C MET B 198 1.09 -3.76 5.89
N PHE B 199 -0.18 -3.36 5.95
CA PHE B 199 -0.55 -2.13 6.66
C PHE B 199 -0.20 -2.23 8.15
N TRP B 200 -0.55 -3.35 8.78
CA TRP B 200 -0.28 -3.52 10.20
C TRP B 200 1.20 -3.37 10.52
N LEU B 201 2.04 -4.06 9.75
CA LEU B 201 3.50 -3.97 9.92
C LEU B 201 4.02 -2.54 9.78
N GLU B 202 3.59 -1.82 8.74
CA GLU B 202 4.18 -0.51 8.50
C GLU B 202 3.57 0.56 9.39
N PHE B 203 2.26 0.47 9.61
CA PHE B 203 1.51 1.58 10.19
C PHE B 203 1.03 1.34 11.61
N GLU B 204 1.17 0.11 12.15
CA GLU B 204 0.62 -0.16 13.48
C GLU B 204 1.65 -0.70 14.47
N ILE B 205 2.38 -1.76 14.14
CA ILE B 205 3.10 -2.49 15.20
C ILE B 205 4.13 -1.60 15.90
N ARG B 206 4.99 -0.90 15.14
CA ARG B 206 5.99 -0.09 15.81
C ARG B 206 5.33 1.08 16.55
N GLN B 207 4.36 1.72 15.89
CA GLN B 207 3.74 2.92 16.43
C GLN B 207 2.99 2.66 17.73
N TYR B 208 2.22 1.56 17.80
CA TYR B 208 1.39 1.30 18.98
C TYR B 208 2.20 0.71 20.14
N THR B 209 3.10 -0.24 19.87
CA THR B 209 3.85 -0.90 20.93
C THR B 209 4.88 0.00 21.57
N HIS B 210 5.22 1.13 20.98
CA HIS B 210 6.09 2.08 21.65
C HIS B 210 5.35 3.41 21.88
N SER B 211 4.03 3.35 21.99
CA SER B 211 3.22 4.55 22.22
C SER B 211 3.26 4.95 23.69
N ASN B 212 2.81 6.18 23.96
CA ASN B 212 3.12 6.84 25.23
C ASN B 212 2.13 6.42 26.31
N ILE B 213 2.42 5.29 26.95
CA ILE B 213 1.64 4.80 28.07
C ILE B 213 2.61 4.51 29.22
N THR B 214 2.28 4.98 30.43
CA THR B 214 3.14 4.73 31.58
C THR B 214 2.39 3.96 32.65
N LEU B 215 3.17 3.36 33.56
CA LEU B 215 2.53 2.63 34.66
C LEU B 215 1.62 3.54 35.46
N ASP B 216 1.95 4.83 35.56
CA ASP B 216 1.07 5.69 36.35
C ASP B 216 -0.28 5.86 35.70
N ASP B 217 -0.36 5.64 34.38
CA ASP B 217 -1.64 5.74 33.70
C ASP B 217 -2.59 4.64 34.18
N PHE B 218 -2.04 3.48 34.54
CA PHE B 218 -2.85 2.38 35.05
C PHE B 218 -3.21 2.62 36.52
N THR B 219 -2.20 2.90 37.34
CA THR B 219 -2.42 3.05 38.78
C THR B 219 -3.49 4.09 39.06
N LYS B 220 -3.59 5.11 38.21
CA LYS B 220 -4.58 6.15 38.47
C LYS B 220 -6.00 5.60 38.40
N TYR B 221 -6.21 4.50 37.68
CA TYR B 221 -7.55 3.91 37.58
C TYR B 221 -7.49 2.40 37.86
N SER B 222 -6.69 2.00 38.84
CA SER B 222 -6.40 0.58 39.04
C SER B 222 -7.65 -0.26 39.31
N ASP B 223 -8.66 0.30 40.00
CA ASP B 223 -9.88 -0.45 40.30
C ASP B 223 -10.69 -0.80 39.06
N LYS B 224 -10.39 -0.19 37.92
CA LYS B 224 -11.16 -0.41 36.70
C LYS B 224 -10.60 -1.53 35.82
N ILE B 225 -9.38 -1.99 36.06
CA ILE B 225 -8.61 -2.75 35.07
C ILE B 225 -8.49 -4.23 35.44
N THR B 226 -8.60 -5.08 34.43
CA THR B 226 -8.21 -6.48 34.51
C THR B 226 -7.25 -6.80 33.38
N LEU B 227 -6.12 -7.43 33.73
CA LEU B 227 -5.17 -7.95 32.76
C LEU B 227 -5.56 -9.40 32.47
N LEU B 228 -5.55 -9.78 31.19
CA LEU B 228 -6.01 -11.09 30.77
C LEU B 228 -4.88 -11.82 30.06
N ASN B 229 -4.62 -13.04 30.51
CA ASN B 229 -3.60 -13.91 29.93
C ASN B 229 -4.32 -15.16 29.44
N GLY B 230 -3.96 -15.62 28.24
CA GLY B 230 -4.54 -16.84 27.73
C GLY B 230 -3.85 -18.03 28.37
N THR B 231 -4.67 -19.04 28.70
CA THR B 231 -4.11 -20.25 29.31
C THR B 231 -3.34 -21.08 28.30
N ASP B 232 -3.47 -20.79 27.01
CA ASP B 232 -2.83 -21.54 25.93
C ASP B 232 -1.71 -20.78 25.24
N SER B 233 -1.29 -19.62 25.78
CA SER B 233 -0.23 -18.82 25.20
C SER B 233 0.85 -18.50 26.23
N ARG B 234 1.09 -19.44 27.15
CA ARG B 234 2.09 -19.26 28.18
C ARG B 234 3.48 -19.17 27.56
N GLY B 235 4.36 -18.40 28.20
CA GLY B 235 5.69 -18.15 27.67
C GLY B 235 5.76 -17.06 26.62
N SER B 236 4.64 -16.61 26.08
CA SER B 236 4.65 -15.59 25.04
C SER B 236 4.90 -14.23 25.65
N PHE B 237 5.49 -13.36 24.83
CA PHE B 237 5.87 -12.02 25.30
C PHE B 237 4.73 -11.20 25.90
N PRO B 238 3.50 -11.22 25.36
CA PRO B 238 2.45 -10.37 25.97
C PRO B 238 2.12 -10.76 27.39
N GLN B 239 2.21 -12.05 27.74
CA GLN B 239 1.98 -12.43 29.13
C GLN B 239 3.06 -11.88 30.05
N ASP B 240 4.29 -11.79 29.51
CA ASP B 240 5.38 -11.11 30.21
C ASP B 240 5.05 -9.66 30.49
N VAL B 241 4.40 -8.98 29.52
CA VAL B 241 3.97 -7.60 29.73
C VAL B 241 2.99 -7.53 30.89
N ASN B 242 2.01 -8.44 30.90
CA ASN B 242 1.02 -8.43 31.96
C ASN B 242 1.66 -8.74 33.30
N PHE B 243 2.61 -9.68 33.34
CA PHE B 243 3.29 -9.99 34.59
C PHE B 243 3.99 -8.77 35.14
N TYR B 244 4.57 -7.95 34.26
CA TYR B 244 5.27 -6.75 34.71
C TYR B 244 4.30 -5.72 35.28
N ILE B 245 3.18 -5.48 34.57
CA ILE B 245 2.17 -4.55 35.06
C ILE B 245 1.68 -4.98 36.41
N ASN B 246 1.39 -6.28 36.56
CA ASN B 246 0.90 -6.82 37.81
C ASN B 246 1.93 -6.68 38.92
N LYS B 247 3.19 -7.00 38.63
CA LYS B 247 4.20 -6.95 39.68
C LYS B 247 4.37 -5.53 40.22
N GLU B 248 4.22 -4.52 39.37
CA GLU B 248 4.48 -3.14 39.72
C GLU B 248 3.26 -2.41 40.27
N THR B 249 2.05 -2.79 39.86
CA THR B 249 0.85 -2.07 40.25
C THR B 249 -0.11 -2.90 41.09
N GLY B 250 0.06 -4.21 41.19
CA GLY B 250 -0.92 -5.05 41.83
C GLY B 250 -2.22 -5.23 41.07
N ILE B 251 -2.34 -4.69 39.86
CA ILE B 251 -3.58 -4.90 39.11
C ILE B 251 -3.73 -6.38 38.81
N PRO B 252 -4.92 -6.97 38.92
CA PRO B 252 -5.02 -8.42 38.82
C PRO B 252 -4.91 -8.97 37.40
N ILE B 253 -4.27 -10.14 37.28
CA ILE B 253 -4.29 -10.94 36.07
C ILE B 253 -5.33 -12.03 36.21
N VAL B 254 -6.25 -12.11 35.24
CA VAL B 254 -7.22 -13.20 35.16
C VAL B 254 -6.87 -14.09 33.98
N ASP B 255 -6.84 -15.41 34.22
CA ASP B 255 -6.62 -16.38 33.15
C ASP B 255 -7.90 -16.65 32.38
N ILE B 256 -7.78 -16.74 31.07
CA ILE B 256 -8.97 -16.90 30.24
C ILE B 256 -8.60 -17.92 29.19
N PRO B 257 -9.49 -18.83 28.81
CA PRO B 257 -9.09 -19.92 27.93
C PRO B 257 -8.66 -19.41 26.56
N GLY B 258 -8.05 -20.31 25.79
CA GLY B 258 -7.54 -19.96 24.48
C GLY B 258 -6.15 -19.34 24.56
N GLY B 259 -5.65 -18.93 23.38
CA GLY B 259 -4.37 -18.26 23.28
C GLY B 259 -4.49 -16.78 22.97
N HIS B 260 -3.55 -16.23 22.19
CA HIS B 260 -3.64 -14.81 21.80
C HIS B 260 -4.96 -14.54 21.08
N LEU B 261 -5.52 -15.54 20.42
CA LEU B 261 -6.78 -15.41 19.71
C LEU B 261 -7.89 -16.18 20.43
N GLY B 262 -7.83 -16.19 21.77
CA GLY B 262 -8.68 -17.09 22.53
C GLY B 262 -10.15 -16.81 22.39
N TYR B 263 -10.52 -15.54 22.23
CA TYR B 263 -11.92 -15.16 22.10
C TYR B 263 -12.58 -15.85 20.92
N ILE B 264 -11.81 -16.26 19.91
CA ILE B 264 -12.40 -16.96 18.77
C ILE B 264 -12.07 -18.45 18.88
N GLN B 265 -10.96 -18.78 19.52
CA GLN B 265 -10.54 -20.18 19.62
C GLN B 265 -11.45 -20.95 20.56
N LYS B 266 -11.73 -20.41 21.74
CA LYS B 266 -12.73 -20.96 22.66
C LYS B 266 -13.69 -19.91 23.19
N PRO B 267 -14.69 -19.55 22.38
CA PRO B 267 -15.60 -18.44 22.78
C PRO B 267 -16.43 -18.77 24.01
N GLU B 268 -16.89 -20.02 24.14
CA GLU B 268 -17.68 -20.41 25.30
C GLU B 268 -16.91 -20.18 26.60
N GLY B 269 -15.67 -20.69 26.69
CA GLY B 269 -14.89 -20.52 27.91
C GLY B 269 -14.44 -19.10 28.14
N PHE B 270 -14.21 -18.36 27.06
CA PHE B 270 -13.84 -16.94 27.15
C PHE B 270 -14.99 -16.12 27.72
N ALA B 271 -16.20 -16.35 27.22
CA ALA B 271 -17.37 -15.68 27.76
C ALA B 271 -17.56 -15.96 29.25
N ASP B 272 -17.41 -17.23 29.65
CA ASP B 272 -17.69 -17.60 31.03
C ASP B 272 -16.80 -16.81 32.00
N VAL B 273 -15.57 -16.53 31.60
CA VAL B 273 -14.65 -15.75 32.41
C VAL B 273 -15.11 -14.28 32.47
N LEU B 274 -15.35 -13.68 31.30
CA LEU B 274 -15.89 -12.32 31.25
C LEU B 274 -17.13 -12.19 32.13
N LEU B 275 -18.04 -13.16 32.03
CA LEU B 275 -19.28 -13.11 32.81
C LEU B 275 -19.01 -13.23 34.31
N ASN B 276 -18.05 -14.08 34.70
CA ASN B 276 -17.53 -14.06 36.06
C ASN B 276 -17.02 -12.68 36.45
N MET B 277 -16.36 -12.01 35.51
CA MET B 277 -15.72 -10.72 35.81
C MET B 277 -16.76 -9.61 35.97
N TRP B 278 -17.64 -9.48 34.98
CA TRP B 278 -18.46 -8.31 34.85
C TRP B 278 -19.94 -8.61 34.80
N GLY B 279 -20.33 -9.88 34.68
CA GLY B 279 -21.72 -10.26 34.60
C GLY B 279 -22.37 -10.15 35.95
#